data_2XV1
#
_entry.id   2XV1
#
_cell.length_a   39.960
_cell.length_b   63.440
_cell.length_c   56.210
_cell.angle_alpha   90.00
_cell.angle_beta   110.27
_cell.angle_gamma   90.00
#
_symmetry.space_group_name_H-M   'P 1 21 1'
#
loop_
_entity.id
_entity.type
_entity.pdbx_description
1 polymer 'IRON-UPTAKE SYSTEM-BINDING PROTEIN'
2 non-polymer "N,N',N''-[BENZENE-1,3,5-TRIYLTRIS(METHYLENE)]TRIS(2,3-DIHYDROXYBENZAMIDE)"
3 non-polymer 'FE (III) ION'
4 non-polymer 'PHOSPHATE ION'
5 non-polymer DI(HYDROXYETHYL)ETHER
6 water water
#
_entity_poly.entity_id   1
_entity_poly.type   'polypeptide(L)'
_entity_poly.pdbx_seq_one_letter_code
;MGSKNESTASKASGTASEKKKIEYLDKTYEVTVPTDKIAITGSVESMEDAKLLDVHPQGAISFSGKFPDMFKDITDKAEP
TGEKMEPNIEKILEMKPDVILASTKFPEKTLQKISTAGTTIPVSHISSNWKENMMLLAQLTGKEKKAKKIIADYEQDLKE
TKTKINDKAKDSKALVIRIRQGNIYIYPEQVYFNSTLYGDLGLKAPNEVKAAKAQELISLEKLSEMNPDHIFVQFSDDEN
ADKPDALKDLEKNPIWKSLKAVKEDHVYVNSVDPLAQGGTAWSKVRFLKAAAEKLTQNKLAAALEHHHHHH
;
_entity_poly.pdbx_strand_id   A
#
# COMPACT_ATOMS: atom_id res chain seq x y z
N GLU A 18 -12.74 -17.88 -26.70
CA GLU A 18 -11.48 -17.15 -26.95
C GLU A 18 -11.29 -16.10 -25.88
N LYS A 19 -10.05 -15.63 -25.73
CA LYS A 19 -9.66 -14.73 -24.65
C LYS A 19 -9.46 -13.30 -25.16
N LYS A 20 -9.05 -12.39 -24.27
CA LYS A 20 -8.70 -11.02 -24.66
C LYS A 20 -7.26 -10.69 -24.26
N LYS A 21 -6.63 -9.81 -25.04
CA LYS A 21 -5.25 -9.38 -24.78
C LYS A 21 -5.22 -8.16 -23.86
N ILE A 22 -4.99 -8.38 -22.57
CA ILE A 22 -4.91 -7.29 -21.60
C ILE A 22 -3.47 -6.76 -21.58
N GLU A 23 -3.27 -5.49 -21.94
CA GLU A 23 -1.93 -4.89 -21.91
C GLU A 23 -1.64 -4.28 -20.53
N TYR A 24 -0.59 -4.73 -19.87
CA TYR A 24 -0.24 -4.24 -18.52
C TYR A 24 1.24 -3.89 -18.35
N LEU A 25 1.54 -2.59 -18.37
CA LEU A 25 2.91 -2.09 -18.21
C LEU A 25 3.91 -2.78 -19.15
N ASP A 26 3.83 -2.44 -20.44
CA ASP A 26 4.76 -2.96 -21.45
C ASP A 26 4.58 -4.46 -21.81
N LYS A 27 3.90 -5.23 -20.96
CA LYS A 27 3.64 -6.65 -21.23
C LYS A 27 2.20 -6.87 -21.69
N THR A 28 1.93 -8.05 -22.25
CA THR A 28 0.58 -8.43 -22.68
C THR A 28 0.26 -9.85 -22.23
N TYR A 29 -0.98 -10.05 -21.79
CA TYR A 29 -1.42 -11.32 -21.20
C TYR A 29 -2.72 -11.79 -21.84
N GLU A 30 -2.85 -13.10 -22.04
CA GLU A 30 -4.08 -13.69 -22.56
C GLU A 30 -4.96 -14.10 -21.39
N VAL A 31 -6.13 -13.47 -21.26
CA VAL A 31 -7.07 -13.74 -20.18
C VAL A 31 -8.50 -13.70 -20.72
N THR A 32 -9.29 -14.75 -20.45
CA THR A 32 -10.71 -14.73 -20.76
C THR A 32 -11.37 -13.72 -19.83
N VAL A 33 -11.87 -12.62 -20.40
CA VAL A 33 -12.47 -11.54 -19.63
C VAL A 33 -13.85 -11.20 -20.22
N PRO A 34 -14.77 -10.71 -19.38
CA PRO A 34 -14.63 -10.40 -17.95
C PRO A 34 -14.78 -11.61 -17.03
N THR A 35 -13.89 -11.75 -16.05
CA THR A 35 -13.91 -12.89 -15.13
C THR A 35 -14.12 -12.52 -13.67
N ASP A 36 -14.86 -13.37 -12.97
CA ASP A 36 -14.97 -13.34 -11.50
C ASP A 36 -13.89 -14.24 -10.90
N LYS A 37 -13.43 -15.22 -11.67
CA LYS A 37 -12.42 -16.19 -11.19
C LYS A 37 -11.01 -15.58 -11.12
N ILE A 38 -10.81 -14.79 -10.06
CA ILE A 38 -9.55 -14.09 -9.80
C ILE A 38 -8.97 -14.57 -8.47
N ALA A 39 -7.71 -15.01 -8.52
CA ALA A 39 -6.97 -15.36 -7.31
C ALA A 39 -5.95 -14.26 -7.05
N ILE A 40 -6.04 -13.63 -5.88
CA ILE A 40 -5.10 -12.57 -5.49
C ILE A 40 -4.14 -13.12 -4.43
N THR A 41 -2.84 -13.05 -4.72
CA THR A 41 -1.80 -13.52 -3.81
C THR A 41 -0.63 -12.52 -3.83
N GLY A 42 -0.07 -12.22 -2.67
CA GLY A 42 1.00 -11.22 -2.58
C GLY A 42 0.55 -9.76 -2.71
N SER A 43 -0.37 -9.51 -3.66
CA SER A 43 -0.75 -8.14 -4.01
C SER A 43 -1.89 -7.61 -3.15
N VAL A 44 -1.53 -7.06 -1.99
CA VAL A 44 -2.52 -6.38 -1.17
C VAL A 44 -3.06 -5.15 -1.93
N GLU A 45 -2.23 -4.55 -2.79
CA GLU A 45 -2.66 -3.51 -3.71
C GLU A 45 -3.97 -3.87 -4.44
N SER A 46 -4.03 -5.08 -4.97
CA SER A 46 -5.20 -5.55 -5.72
C SER A 46 -6.39 -5.77 -4.81
N MET A 47 -6.13 -6.12 -3.55
CA MET A 47 -7.20 -6.23 -2.58
C MET A 47 -7.85 -4.86 -2.41
N GLU A 48 -7.03 -3.81 -2.39
CA GLU A 48 -7.52 -2.44 -2.16
C GLU A 48 -8.25 -1.90 -3.39
N ASP A 49 -7.80 -2.32 -4.58
CA ASP A 49 -8.47 -1.97 -5.82
C ASP A 49 -9.80 -2.71 -5.94
N ALA A 50 -9.80 -4.01 -5.66
CA ALA A 50 -11.03 -4.80 -5.62
C ALA A 50 -12.09 -4.16 -4.71
N LYS A 51 -11.65 -3.62 -3.57
CA LYS A 51 -12.53 -3.03 -2.58
C LYS A 51 -13.31 -1.84 -3.13
N LEU A 52 -12.62 -0.90 -3.78
CA LEU A 52 -13.29 0.26 -4.36
C LEU A 52 -14.05 -0.10 -5.65
N LEU A 53 -13.58 -1.12 -6.36
CA LEU A 53 -14.24 -1.58 -7.61
C LEU A 53 -15.41 -2.54 -7.39
N ASP A 54 -15.63 -2.94 -6.14
CA ASP A 54 -16.57 -4.00 -5.78
C ASP A 54 -16.33 -5.26 -6.61
N VAL A 55 -15.08 -5.68 -6.67
CA VAL A 55 -14.70 -6.96 -7.24
C VAL A 55 -14.60 -7.97 -6.11
N HIS A 56 -15.33 -9.07 -6.23
CA HIS A 56 -15.34 -10.13 -5.22
C HIS A 56 -14.51 -11.30 -5.75
N PRO A 57 -13.21 -11.33 -5.43
CA PRO A 57 -12.41 -12.37 -6.05
C PRO A 57 -12.73 -13.77 -5.54
N GLN A 58 -12.22 -14.76 -6.28
CA GLN A 58 -12.31 -16.15 -5.90
C GLN A 58 -11.28 -16.47 -4.83
N GLY A 59 -10.06 -15.97 -5.02
CA GLY A 59 -8.98 -16.11 -4.05
C GLY A 59 -8.56 -14.74 -3.52
N ALA A 60 -8.34 -14.66 -2.23
CA ALA A 60 -7.93 -13.42 -1.59
C ALA A 60 -6.91 -13.69 -0.49
N ILE A 61 -6.13 -12.68 -0.15
CA ILE A 61 -5.05 -12.80 0.83
C ILE A 61 -5.61 -12.81 2.25
N SER A 62 -5.18 -13.77 3.06
CA SER A 62 -5.49 -13.76 4.48
C SER A 62 -4.41 -12.99 5.24
N PHE A 63 -4.78 -12.51 6.41
CA PHE A 63 -3.90 -11.76 7.28
C PHE A 63 -4.05 -12.38 8.67
N SER A 64 -3.03 -13.12 9.11
CA SER A 64 -3.12 -14.00 10.29
C SER A 64 -4.29 -14.99 10.19
N GLY A 65 -4.47 -15.57 9.00
CA GLY A 65 -5.51 -16.55 8.76
C GLY A 65 -6.92 -16.02 8.59
N LYS A 66 -7.14 -14.72 8.84
CA LYS A 66 -8.48 -14.13 8.71
C LYS A 66 -8.53 -12.95 7.70
N PHE A 67 -9.75 -12.55 7.32
CA PHE A 67 -9.96 -11.42 6.40
C PHE A 67 -10.36 -10.19 7.23
N PRO A 68 -9.53 -9.14 7.24
CA PRO A 68 -9.83 -7.95 8.05
C PRO A 68 -11.19 -7.29 7.73
N ASP A 69 -11.84 -6.78 8.76
CA ASP A 69 -13.14 -6.12 8.65
C ASP A 69 -13.27 -5.30 7.37
N MET A 70 -12.27 -4.46 7.11
CA MET A 70 -12.33 -3.55 5.97
C MET A 70 -12.43 -4.24 4.59
N PHE A 71 -12.11 -5.53 4.51
CA PHE A 71 -12.22 -6.31 3.24
C PHE A 71 -13.42 -7.28 3.16
N LYS A 72 -14.14 -7.46 4.26
CA LYS A 72 -15.22 -8.47 4.35
C LYS A 72 -16.33 -8.34 3.33
N ASP A 73 -16.60 -7.12 2.89
CA ASP A 73 -17.59 -6.86 1.83
C ASP A 73 -17.19 -7.48 0.49
N ILE A 74 -15.88 -7.59 0.23
CA ILE A 74 -15.41 -8.22 -1.00
C ILE A 74 -14.74 -9.59 -0.83
N THR A 75 -14.60 -10.10 0.40
CA THR A 75 -14.06 -11.46 0.59
C THR A 75 -15.16 -12.51 0.85
N ASP A 76 -16.41 -12.09 0.67
CA ASP A 76 -17.57 -12.95 0.98
C ASP A 76 -17.65 -14.23 0.14
N LYS A 77 -17.20 -14.19 -1.12
CA LYS A 77 -17.15 -15.39 -1.98
C LYS A 77 -15.72 -15.93 -2.13
N ALA A 78 -14.81 -15.47 -1.28
CA ALA A 78 -13.41 -15.83 -1.42
C ALA A 78 -13.03 -16.94 -0.46
N GLU A 79 -11.99 -17.68 -0.83
CA GLU A 79 -11.23 -18.46 0.14
C GLU A 79 -9.75 -18.01 0.07
N PRO A 80 -8.98 -18.27 1.15
CA PRO A 80 -7.58 -17.88 1.22
C PRO A 80 -6.67 -18.44 0.14
N THR A 81 -5.82 -17.58 -0.41
CA THR A 81 -4.68 -18.00 -1.20
C THR A 81 -3.46 -18.20 -0.29
N GLY A 82 -3.62 -17.90 1.00
CA GLY A 82 -2.54 -17.94 1.98
C GLY A 82 -2.19 -16.55 2.48
N GLU A 83 -1.22 -16.49 3.38
CA GLU A 83 -0.69 -15.20 3.84
C GLU A 83 0.00 -14.48 2.68
N LYS A 84 0.23 -13.18 2.85
CA LYS A 84 0.71 -12.30 1.78
C LYS A 84 1.93 -12.84 1.03
N MET A 85 2.95 -13.24 1.78
CA MET A 85 4.23 -13.60 1.19
C MET A 85 4.34 -15.11 0.95
N GLU A 86 3.31 -15.86 1.32
CA GLU A 86 3.37 -17.32 1.34
C GLU A 86 2.18 -17.93 0.59
N PRO A 87 2.17 -17.85 -0.75
CA PRO A 87 1.06 -18.41 -1.53
C PRO A 87 0.89 -19.93 -1.37
N ASN A 88 -0.36 -20.36 -1.18
CA ASN A 88 -0.69 -21.79 -1.08
C ASN A 88 -1.03 -22.32 -2.47
N ILE A 89 -0.03 -22.93 -3.10
CA ILE A 89 -0.17 -23.44 -4.47
C ILE A 89 -1.23 -24.55 -4.58
N GLU A 90 -1.35 -25.37 -3.53
CA GLU A 90 -2.38 -26.41 -3.49
C GLU A 90 -3.77 -25.78 -3.47
N LYS A 91 -3.91 -24.67 -2.74
CA LYS A 91 -5.19 -23.96 -2.70
C LYS A 91 -5.48 -23.29 -4.05
N ILE A 92 -4.48 -22.60 -4.61
CA ILE A 92 -4.67 -21.85 -5.86
C ILE A 92 -4.98 -22.78 -7.04
N LEU A 93 -4.31 -23.93 -7.09
CA LEU A 93 -4.60 -24.96 -8.08
C LEU A 93 -6.05 -25.46 -7.96
N GLU A 94 -6.47 -25.75 -6.73
CA GLU A 94 -7.84 -26.22 -6.45
C GLU A 94 -8.89 -25.22 -6.93
N MET A 95 -8.56 -23.93 -6.86
CA MET A 95 -9.46 -22.87 -7.32
C MET A 95 -9.60 -22.85 -8.84
N LYS A 96 -8.54 -23.22 -9.55
CA LYS A 96 -8.49 -23.11 -11.01
C LYS A 96 -8.95 -21.74 -11.52
N PRO A 97 -8.24 -20.66 -11.15
CA PRO A 97 -8.62 -19.30 -11.56
C PRO A 97 -8.34 -19.01 -13.03
N ASP A 98 -9.04 -18.01 -13.57
CA ASP A 98 -8.77 -17.52 -14.92
C ASP A 98 -7.57 -16.57 -14.90
N VAL A 99 -7.33 -15.95 -13.75
CA VAL A 99 -6.17 -15.10 -13.59
C VAL A 99 -5.72 -15.10 -12.13
N ILE A 100 -4.41 -15.07 -11.93
CA ILE A 100 -3.84 -14.92 -10.61
C ILE A 100 -3.16 -13.55 -10.58
N LEU A 101 -3.60 -12.69 -9.67
CA LEU A 101 -2.95 -11.39 -9.48
C LEU A 101 -1.89 -11.52 -8.39
N ALA A 102 -0.63 -11.47 -8.82
CA ALA A 102 0.50 -11.64 -7.93
C ALA A 102 1.17 -10.29 -7.71
N SER A 103 2.30 -10.30 -7.01
CA SER A 103 3.00 -9.07 -6.67
C SER A 103 4.38 -9.06 -7.32
N THR A 104 4.89 -7.86 -7.57
CA THR A 104 6.23 -7.70 -8.10
C THR A 104 7.29 -7.88 -7.00
N LYS A 105 6.85 -8.06 -5.75
CA LYS A 105 7.76 -8.26 -4.62
C LYS A 105 8.20 -9.72 -4.46
N PHE A 106 7.46 -10.66 -5.04
CA PHE A 106 7.83 -12.07 -4.98
C PHE A 106 9.14 -12.28 -5.70
N PRO A 107 10.01 -13.14 -5.14
CA PRO A 107 11.13 -13.62 -5.94
C PRO A 107 10.61 -14.28 -7.22
N GLU A 108 11.43 -14.24 -8.27
CA GLU A 108 11.09 -14.81 -9.56
C GLU A 108 10.71 -16.29 -9.47
N LYS A 109 11.47 -17.05 -8.68
CA LYS A 109 11.20 -18.49 -8.52
C LYS A 109 9.82 -18.72 -7.88
N THR A 110 9.40 -17.80 -7.02
CA THR A 110 8.06 -17.88 -6.44
C THR A 110 6.99 -17.47 -7.47
N LEU A 111 7.30 -16.51 -8.32
CA LEU A 111 6.38 -16.13 -9.42
C LEU A 111 6.23 -17.27 -10.44
N GLN A 112 7.34 -17.90 -10.82
CA GLN A 112 7.27 -19.04 -11.76
C GLN A 112 6.47 -20.22 -11.16
N LYS A 113 6.64 -20.45 -9.86
CA LYS A 113 5.95 -21.51 -9.14
C LYS A 113 4.44 -21.23 -9.03
N ILE A 114 4.10 -19.98 -8.71
CA ILE A 114 2.71 -19.52 -8.73
C ILE A 114 2.07 -19.73 -10.11
N SER A 115 2.83 -19.44 -11.17
CA SER A 115 2.30 -19.49 -12.54
C SER A 115 2.01 -20.91 -13.04
N THR A 116 2.26 -21.93 -12.23
CA THR A 116 1.86 -23.29 -12.57
C THR A 116 0.35 -23.45 -12.37
N ALA A 117 -0.23 -22.60 -11.52
CA ALA A 117 -1.67 -22.63 -11.25
C ALA A 117 -2.51 -21.78 -12.23
N GLY A 118 -1.86 -21.08 -13.16
CA GLY A 118 -2.57 -20.26 -14.15
C GLY A 118 -1.91 -18.96 -14.54
N THR A 119 -2.52 -18.26 -15.50
CA THR A 119 -2.03 -16.96 -15.98
C THR A 119 -1.80 -16.00 -14.83
N THR A 120 -0.57 -15.50 -14.73
CA THR A 120 -0.13 -14.78 -13.54
C THR A 120 0.38 -13.39 -13.89
N ILE A 121 -0.17 -12.37 -13.23
CA ILE A 121 0.24 -11.01 -13.51
C ILE A 121 0.85 -10.43 -12.24
N PRO A 122 2.18 -10.20 -12.24
CA PRO A 122 2.81 -9.48 -11.13
C PRO A 122 2.38 -8.01 -11.09
N VAL A 123 1.57 -7.65 -10.10
CA VAL A 123 1.08 -6.28 -9.92
C VAL A 123 2.12 -5.42 -9.19
N SER A 124 2.42 -4.25 -9.76
CA SER A 124 3.50 -3.40 -9.28
C SER A 124 3.24 -2.85 -7.88
N HIS A 125 4.29 -2.87 -7.06
CA HIS A 125 4.27 -2.25 -5.74
C HIS A 125 4.84 -0.84 -5.80
N ILE A 126 5.20 -0.38 -7.01
CA ILE A 126 5.71 0.97 -7.18
C ILE A 126 4.50 1.88 -7.27
N SER A 127 4.38 2.79 -6.31
CA SER A 127 3.14 3.55 -6.09
C SER A 127 2.73 4.48 -7.23
N SER A 128 3.65 4.84 -8.12
CA SER A 128 3.31 5.63 -9.30
C SER A 128 2.53 4.85 -10.38
N ASN A 129 2.47 3.53 -10.27
CA ASN A 129 1.62 2.70 -11.14
C ASN A 129 0.23 2.44 -10.55
N TRP A 130 -0.24 3.29 -9.63
CA TRP A 130 -1.54 3.06 -9.00
C TRP A 130 -2.70 3.06 -9.99
N LYS A 131 -2.61 3.91 -11.02
CA LYS A 131 -3.64 3.98 -12.07
C LYS A 131 -3.71 2.70 -12.90
N GLU A 132 -2.55 2.21 -13.34
CA GLU A 132 -2.45 1.00 -14.16
C GLU A 132 -2.98 -0.23 -13.44
N ASN A 133 -2.57 -0.40 -12.18
CA ASN A 133 -3.04 -1.53 -11.37
C ASN A 133 -4.56 -1.55 -11.29
N MET A 134 -5.14 -0.37 -11.01
CA MET A 134 -6.58 -0.19 -10.88
C MET A 134 -7.28 -0.56 -12.18
N MET A 135 -6.79 -0.03 -13.30
CA MET A 135 -7.38 -0.30 -14.61
C MET A 135 -7.28 -1.77 -14.98
N LEU A 136 -6.16 -2.39 -14.64
CA LEU A 136 -5.96 -3.83 -14.90
C LEU A 136 -7.13 -4.65 -14.35
N LEU A 137 -7.42 -4.47 -13.07
CA LEU A 137 -8.53 -5.17 -12.43
C LEU A 137 -9.84 -4.77 -13.10
N ALA A 138 -9.99 -3.48 -13.39
CA ALA A 138 -11.16 -2.99 -14.13
C ALA A 138 -11.31 -3.70 -15.48
N GLN A 139 -10.21 -3.82 -16.21
CA GLN A 139 -10.22 -4.45 -17.53
C GLN A 139 -10.52 -5.95 -17.44
N LEU A 140 -9.97 -6.60 -16.41
CA LEU A 140 -10.29 -8.00 -16.14
C LEU A 140 -11.78 -8.22 -15.77
N THR A 141 -12.37 -7.26 -15.08
CA THR A 141 -13.72 -7.39 -14.53
C THR A 141 -14.81 -6.63 -15.33
N GLY A 142 -14.39 -5.85 -16.32
CA GLY A 142 -15.32 -5.08 -17.16
C GLY A 142 -15.90 -3.86 -16.46
N LYS A 143 -15.06 -3.19 -15.67
CA LYS A 143 -15.49 -2.06 -14.84
C LYS A 143 -14.60 -0.83 -15.06
N GLU A 144 -14.29 -0.54 -16.32
CA GLU A 144 -13.41 0.57 -16.67
C GLU A 144 -14.05 1.92 -16.29
N LYS A 145 -15.37 2.01 -16.45
CA LYS A 145 -16.14 3.22 -16.10
C LYS A 145 -16.00 3.58 -14.62
N LYS A 146 -16.19 2.59 -13.76
CA LYS A 146 -16.05 2.78 -12.33
C LYS A 146 -14.60 3.19 -11.98
N ALA A 147 -13.63 2.53 -12.61
CA ALA A 147 -12.20 2.77 -12.35
C ALA A 147 -11.73 4.16 -12.79
N LYS A 148 -12.22 4.62 -13.95
CA LYS A 148 -11.95 5.99 -14.40
C LYS A 148 -12.59 7.02 -13.48
N LYS A 149 -13.81 6.76 -13.02
CA LYS A 149 -14.49 7.66 -12.09
C LYS A 149 -13.76 7.76 -10.77
N ILE A 150 -13.22 6.65 -10.27
CA ILE A 150 -12.48 6.64 -9.00
C ILE A 150 -11.17 7.42 -9.13
N ILE A 151 -10.49 7.26 -10.27
CA ILE A 151 -9.21 7.93 -10.52
C ILE A 151 -9.44 9.43 -10.64
N ALA A 152 -10.40 9.82 -11.48
CA ALA A 152 -10.74 11.23 -11.68
C ALA A 152 -11.08 11.93 -10.35
N ASP A 153 -11.87 11.26 -9.53
CA ASP A 153 -12.26 11.78 -8.22
C ASP A 153 -11.06 12.06 -7.32
N TYR A 154 -10.07 11.17 -7.34
CA TYR A 154 -8.87 11.38 -6.54
C TYR A 154 -8.17 12.68 -6.96
N GLU A 155 -8.04 12.89 -8.26
CA GLU A 155 -7.33 14.05 -8.80
C GLU A 155 -8.02 15.36 -8.39
N GLN A 156 -9.34 15.37 -8.39
CA GLN A 156 -10.10 16.52 -7.89
C GLN A 156 -9.86 16.67 -6.38
N ASP A 157 -10.00 15.58 -5.64
CA ASP A 157 -9.72 15.55 -4.19
C ASP A 157 -8.33 16.14 -3.91
N LEU A 158 -7.35 15.75 -4.74
CA LEU A 158 -5.98 16.24 -4.58
C LEU A 158 -5.87 17.76 -4.78
N LYS A 159 -6.37 18.26 -5.92
CA LYS A 159 -6.28 19.69 -6.24
C LYS A 159 -6.98 20.54 -5.18
N GLU A 160 -8.17 20.07 -4.77
CA GLU A 160 -8.92 20.72 -3.69
C GLU A 160 -8.18 20.68 -2.35
N THR A 161 -7.48 19.58 -2.07
CA THR A 161 -6.78 19.42 -0.78
C THR A 161 -5.49 20.25 -0.68
N LYS A 162 -4.80 20.46 -1.80
CA LYS A 162 -3.58 21.27 -1.82
C LYS A 162 -3.85 22.69 -1.32
N THR A 163 -5.00 23.24 -1.73
CA THR A 163 -5.40 24.59 -1.32
C THR A 163 -5.58 24.72 0.20
N LYS A 164 -5.93 23.63 0.86
CA LYS A 164 -6.20 23.65 2.31
C LYS A 164 -4.95 23.52 3.17
N ILE A 165 -3.82 23.18 2.55
CA ILE A 165 -2.58 22.90 3.29
C ILE A 165 -1.68 24.14 3.30
N ASN A 166 -1.30 24.56 4.51
CA ASN A 166 -0.54 25.80 4.73
C ASN A 166 0.90 25.72 4.21
N ASP A 167 1.44 26.87 3.81
CA ASP A 167 2.82 26.98 3.35
C ASP A 167 3.86 26.34 4.27
N LYS A 168 3.85 26.71 5.54
CA LYS A 168 4.80 26.17 6.52
C LYS A 168 4.82 24.64 6.44
N ALA A 169 3.65 24.03 6.60
CA ALA A 169 3.50 22.58 6.52
C ALA A 169 4.16 22.00 5.26
N LYS A 170 3.90 22.64 4.12
CA LYS A 170 4.46 22.19 2.85
C LYS A 170 5.97 22.27 2.76
N ASP A 171 6.60 23.12 3.58
CA ASP A 171 8.07 23.23 3.61
C ASP A 171 8.70 22.53 4.82
N SER A 172 7.91 21.72 5.53
CA SER A 172 8.40 20.97 6.67
C SER A 172 9.10 19.67 6.22
N LYS A 173 9.79 19.04 7.17
CA LYS A 173 10.47 17.77 6.96
C LYS A 173 9.59 16.66 7.50
N ALA A 174 9.03 15.85 6.60
CA ALA A 174 8.05 14.83 6.98
C ALA A 174 8.48 13.44 6.50
N LEU A 175 8.29 12.45 7.36
CA LEU A 175 8.70 11.07 7.09
C LEU A 175 7.54 10.10 7.29
N VAL A 176 7.52 9.04 6.50
CA VAL A 176 6.61 7.91 6.72
C VAL A 176 7.48 6.70 7.08
N ILE A 177 7.33 6.15 8.29
CA ILE A 177 8.01 4.91 8.67
C ILE A 177 7.00 3.76 8.90
N ARG A 178 7.42 2.55 8.54
CA ARG A 178 6.68 1.32 8.86
C ARG A 178 7.54 0.39 9.74
N ILE A 179 6.99 0.04 10.91
CA ILE A 179 7.69 -0.79 11.89
C ILE A 179 7.32 -2.27 11.63
N ARG A 180 8.31 -3.08 11.24
CA ARG A 180 8.10 -4.51 10.94
C ARG A 180 9.13 -5.38 11.68
N GLN A 181 8.63 -6.43 12.33
CA GLN A 181 9.43 -7.25 13.26
C GLN A 181 10.30 -6.38 14.18
N GLY A 182 9.70 -5.34 14.74
CA GLY A 182 10.39 -4.42 15.63
C GLY A 182 11.48 -3.54 15.03
N ASN A 183 11.54 -3.42 13.70
CA ASN A 183 12.55 -2.57 13.05
C ASN A 183 11.88 -1.44 12.32
N ILE A 184 12.60 -0.34 12.13
CA ILE A 184 12.10 0.80 11.38
C ILE A 184 12.51 0.76 9.92
N TYR A 185 11.54 0.92 9.02
CA TYR A 185 11.79 0.93 7.60
C TYR A 185 11.33 2.23 6.96
N ILE A 186 12.08 2.65 5.95
CA ILE A 186 11.73 3.77 5.09
C ILE A 186 11.67 3.23 3.68
N TYR A 187 11.25 4.05 2.73
CA TYR A 187 10.91 3.58 1.39
C TYR A 187 11.31 4.60 0.35
N PRO A 188 11.49 4.18 -0.92
CA PRO A 188 11.80 5.16 -1.95
C PRO A 188 10.71 6.21 -2.16
N GLU A 189 11.03 7.22 -2.95
CA GLU A 189 10.16 8.38 -3.16
C GLU A 189 8.80 8.04 -3.82
N GLN A 190 8.80 7.01 -4.67
CA GLN A 190 7.60 6.60 -5.41
C GLN A 190 7.01 5.31 -4.88
N VAL A 191 7.33 4.96 -3.63
CA VAL A 191 6.88 3.72 -3.02
C VAL A 191 6.10 4.04 -1.75
N TYR A 192 5.16 3.16 -1.42
CA TYR A 192 4.35 3.30 -0.21
C TYR A 192 3.58 4.63 -0.34
N PHE A 193 3.41 5.36 0.75
CA PHE A 193 2.69 6.63 0.76
C PHE A 193 3.51 7.79 0.21
N ASN A 194 4.82 7.59 0.06
CA ASN A 194 5.74 8.66 -0.34
C ASN A 194 5.36 9.39 -1.65
N SER A 195 4.79 8.67 -2.61
CA SER A 195 4.30 9.29 -3.86
C SER A 195 3.16 10.26 -3.61
N THR A 196 2.50 10.12 -2.46
CA THR A 196 1.42 11.05 -2.10
C THR A 196 1.95 12.19 -1.25
N LEU A 197 2.80 11.87 -0.28
CA LEU A 197 3.35 12.89 0.61
C LEU A 197 4.27 13.83 -0.13
N TYR A 198 5.19 13.27 -0.93
CA TYR A 198 6.20 14.08 -1.59
C TYR A 198 5.75 14.44 -3.00
N GLY A 199 5.22 13.48 -3.76
CA GLY A 199 4.88 13.71 -5.16
C GLY A 199 3.64 14.56 -5.37
N ASP A 200 2.53 14.14 -4.77
CA ASP A 200 1.25 14.83 -4.89
C ASP A 200 1.15 16.13 -4.07
N LEU A 201 1.54 16.08 -2.80
CA LEU A 201 1.41 17.26 -1.95
C LEU A 201 2.61 18.19 -2.04
N GLY A 202 3.70 17.73 -2.65
CA GLY A 202 4.84 18.57 -2.95
C GLY A 202 5.80 18.87 -1.80
N LEU A 203 5.71 18.14 -0.69
CA LEU A 203 6.71 18.27 0.38
C LEU A 203 8.04 17.69 -0.11
N LYS A 204 9.15 18.28 0.33
CA LYS A 204 10.48 17.84 -0.10
C LYS A 204 10.84 16.48 0.51
N ALA A 205 11.00 15.47 -0.33
CA ALA A 205 11.51 14.19 0.10
C ALA A 205 12.94 14.36 0.65
N PRO A 206 13.22 13.85 1.86
CA PRO A 206 14.55 13.97 2.44
C PRO A 206 15.56 13.01 1.82
N ASN A 207 16.83 13.30 2.05
CA ASN A 207 17.94 12.61 1.38
C ASN A 207 17.88 11.10 1.54
N GLU A 208 17.65 10.66 2.77
CA GLU A 208 17.62 9.23 3.10
C GLU A 208 16.53 8.49 2.29
N VAL A 209 15.43 9.19 1.99
CA VAL A 209 14.36 8.63 1.15
C VAL A 209 14.76 8.68 -0.33
N LYS A 210 15.37 9.78 -0.76
CA LYS A 210 15.91 9.88 -2.11
C LYS A 210 16.93 8.78 -2.42
N ALA A 211 17.63 8.34 -1.39
CA ALA A 211 18.70 7.36 -1.54
C ALA A 211 18.17 5.93 -1.47
N ALA A 212 17.00 5.73 -0.87
CA ALA A 212 16.41 4.41 -0.73
C ALA A 212 16.08 3.82 -2.10
N LYS A 213 16.50 2.58 -2.32
CA LYS A 213 16.27 1.86 -3.58
C LYS A 213 15.23 0.74 -3.43
N ALA A 214 14.90 0.41 -2.19
CA ALA A 214 13.83 -0.53 -1.87
C ALA A 214 13.45 -0.28 -0.43
N GLN A 215 12.49 -1.03 0.10
CA GLN A 215 12.26 -1.01 1.54
C GLN A 215 13.61 -1.13 2.20
N GLU A 216 13.94 -0.12 3.00
CA GLU A 216 15.27 0.02 3.57
C GLU A 216 15.17 0.17 5.09
N LEU A 217 15.99 -0.58 5.83
CA LEU A 217 16.07 -0.45 7.29
C LEU A 217 16.73 0.87 7.67
N ILE A 218 16.20 1.56 8.69
CA ILE A 218 16.80 2.80 9.20
C ILE A 218 16.89 2.75 10.71
N SER A 219 18.04 3.17 11.26
CA SER A 219 18.25 3.14 12.70
C SER A 219 17.64 4.38 13.37
N LEU A 220 17.26 4.21 14.63
CA LEU A 220 16.78 5.33 15.42
C LEU A 220 17.88 6.38 15.48
N GLU A 221 19.12 5.92 15.64
CA GLU A 221 20.29 6.77 15.63
C GLU A 221 20.35 7.66 14.39
N LYS A 222 20.12 7.10 13.22
CA LYS A 222 20.08 7.89 11.97
C LYS A 222 18.89 8.85 11.93
N LEU A 223 17.74 8.38 12.41
CA LEU A 223 16.50 9.17 12.40
C LEU A 223 16.71 10.46 13.18
N SER A 224 17.47 10.36 14.28
CA SER A 224 17.68 11.47 15.20
C SER A 224 18.52 12.56 14.56
N GLU A 225 19.30 12.18 13.54
CA GLU A 225 20.04 13.15 12.74
C GLU A 225 19.15 13.81 11.72
N MET A 226 18.30 13.02 11.09
CA MET A 226 17.35 13.54 10.12
C MET A 226 16.48 14.58 10.80
N ASN A 227 16.04 14.25 12.02
CA ASN A 227 15.27 15.15 12.87
C ASN A 227 14.01 15.75 12.21
N PRO A 228 13.17 14.91 11.60
CA PRO A 228 11.96 15.37 10.93
C PRO A 228 11.01 16.18 11.80
N ASP A 229 10.25 17.06 11.15
CA ASP A 229 9.18 17.83 11.79
C ASP A 229 7.95 16.98 12.08
N HIS A 230 7.64 16.06 11.17
CA HIS A 230 6.45 15.22 11.26
C HIS A 230 6.82 13.79 10.91
N ILE A 231 6.37 12.82 11.70
CA ILE A 231 6.58 11.41 11.40
C ILE A 231 5.24 10.71 11.40
N PHE A 232 4.91 10.05 10.30
CA PHE A 232 3.77 9.15 10.23
C PHE A 232 4.33 7.75 10.51
N VAL A 233 3.90 7.16 11.63
CA VAL A 233 4.31 5.81 12.00
C VAL A 233 3.20 4.82 11.71
N GLN A 234 3.50 3.80 10.90
CA GLN A 234 2.54 2.73 10.57
C GLN A 234 2.98 1.43 11.24
N PHE A 235 2.08 0.88 12.05
CA PHE A 235 2.40 -0.27 12.90
C PHE A 235 1.27 -1.30 12.93
N SER A 236 1.56 -2.50 12.41
CA SER A 236 0.66 -3.66 12.45
C SER A 236 1.18 -4.75 13.39
N ASP A 237 0.31 -5.24 14.26
CA ASP A 237 0.58 -6.43 15.09
C ASP A 237 0.86 -7.66 14.24
N ASP A 238 0.14 -7.80 13.14
CA ASP A 238 0.29 -8.97 12.29
C ASP A 238 1.66 -9.02 11.61
N GLU A 239 2.35 -7.88 11.60
CA GLU A 239 3.71 -7.79 11.08
C GLU A 239 4.75 -7.62 12.20
N ASN A 240 4.30 -7.62 13.46
CA ASN A 240 5.18 -7.42 14.62
C ASN A 240 5.02 -8.48 15.71
N ALA A 241 4.72 -9.73 15.31
CA ALA A 241 4.56 -10.84 16.25
C ALA A 241 5.86 -11.16 17.01
N ASP A 242 7.01 -10.94 16.38
CA ASP A 242 8.30 -11.20 17.01
C ASP A 242 8.61 -10.20 18.14
N LYS A 243 8.04 -9.00 18.08
CA LYS A 243 8.23 -7.98 19.12
C LYS A 243 6.98 -7.06 19.19
N PRO A 244 6.01 -7.43 20.06
CA PRO A 244 4.73 -6.72 20.11
C PRO A 244 4.75 -5.39 20.85
N ASP A 245 5.78 -5.16 21.67
CA ASP A 245 5.97 -3.90 22.37
C ASP A 245 6.83 -2.89 21.60
N ALA A 246 7.15 -3.19 20.34
CA ALA A 246 8.10 -2.37 19.56
C ALA A 246 7.77 -0.89 19.62
N LEU A 247 6.48 -0.57 19.48
CA LEU A 247 6.02 0.81 19.45
C LEU A 247 6.20 1.50 20.80
N LYS A 248 5.82 0.81 21.87
CA LYS A 248 5.96 1.34 23.23
C LYS A 248 7.41 1.43 23.70
N ASP A 249 8.26 0.49 23.27
CA ASP A 249 9.69 0.50 23.64
C ASP A 249 10.44 1.64 22.95
N LEU A 250 10.02 1.95 21.73
CA LEU A 250 10.56 3.05 20.96
C LEU A 250 10.29 4.36 21.70
N GLU A 251 9.04 4.56 22.06
CA GLU A 251 8.59 5.79 22.71
C GLU A 251 9.28 6.00 24.05
N LYS A 252 9.91 4.96 24.59
CA LYS A 252 10.71 5.05 25.82
C LYS A 252 12.22 5.14 25.55
N ASN A 253 12.63 5.12 24.28
CA ASN A 253 14.05 5.23 23.92
C ASN A 253 14.45 6.71 23.96
N PRO A 254 15.56 7.03 24.64
CA PRO A 254 15.93 8.43 24.78
C PRO A 254 16.33 9.10 23.47
N ILE A 255 16.71 8.30 22.47
CA ILE A 255 17.07 8.83 21.16
C ILE A 255 15.81 9.21 20.37
N TRP A 256 14.75 8.43 20.57
CA TRP A 256 13.44 8.74 19.98
C TRP A 256 12.81 9.96 20.67
N LYS A 257 12.97 10.02 21.99
CA LYS A 257 12.45 11.17 22.74
C LYS A 257 13.16 12.47 22.39
N SER A 258 14.32 12.36 21.73
CA SER A 258 15.10 13.51 21.33
C SER A 258 14.58 14.11 20.02
N LEU A 259 13.80 13.33 19.27
CA LEU A 259 13.29 13.77 17.97
C LEU A 259 12.42 15.01 18.07
N LYS A 260 12.61 15.94 17.14
CA LYS A 260 11.81 17.17 17.09
C LYS A 260 10.31 16.84 17.02
N ALA A 261 9.98 15.92 16.10
CA ALA A 261 8.62 15.46 15.90
C ALA A 261 8.00 14.88 17.17
N VAL A 262 8.79 14.09 17.92
CA VAL A 262 8.30 13.51 19.17
C VAL A 262 7.98 14.61 20.18
N LYS A 263 8.97 15.42 20.51
CA LYS A 263 8.82 16.48 21.52
C LYS A 263 7.72 17.49 21.18
N GLU A 264 7.47 17.72 19.89
CA GLU A 264 6.43 18.65 19.45
C GLU A 264 5.09 17.96 19.19
N ASP A 265 4.95 16.70 19.61
CA ASP A 265 3.69 15.96 19.46
C ASP A 265 3.22 15.92 18.00
N HIS A 266 4.17 15.75 17.09
CA HIS A 266 3.87 15.59 15.66
C HIS A 266 4.20 14.18 15.13
N VAL A 267 3.85 13.15 15.92
CA VAL A 267 3.99 11.75 15.51
C VAL A 267 2.59 11.13 15.39
N TYR A 268 2.27 10.62 14.20
CA TYR A 268 0.91 10.12 13.94
C TYR A 268 0.92 8.63 13.66
N VAL A 269 0.47 7.87 14.65
CA VAL A 269 0.49 6.42 14.60
C VAL A 269 -0.80 5.93 13.94
N ASN A 270 -0.64 5.24 12.81
CA ASN A 270 -1.75 4.59 12.11
C ASN A 270 -2.86 5.57 11.76
N SER A 271 -2.45 6.73 11.25
CA SER A 271 -3.34 7.72 10.70
C SER A 271 -4.16 7.09 9.58
N VAL A 272 -3.56 6.08 8.93
CA VAL A 272 -4.26 5.21 7.96
C VAL A 272 -4.07 3.77 8.43
N ASP A 273 -4.99 2.88 8.10
CA ASP A 273 -4.86 1.49 8.54
C ASP A 273 -3.46 0.97 8.22
N PRO A 274 -2.82 0.29 9.19
CA PRO A 274 -1.44 -0.12 8.98
C PRO A 274 -1.24 -1.22 7.94
N LEU A 275 -2.30 -1.87 7.46
CA LEU A 275 -2.17 -2.83 6.32
C LEU A 275 -2.29 -2.15 4.94
N ALA A 276 -2.62 -0.85 4.93
CA ALA A 276 -2.66 -0.04 3.70
C ALA A 276 -1.30 0.01 3.01
N GLN A 277 -1.29 -0.15 1.70
CA GLN A 277 -0.03 -0.32 0.98
C GLN A 277 0.54 0.95 0.36
N GLY A 278 -0.24 2.05 0.39
CA GLY A 278 0.23 3.33 -0.13
C GLY A 278 0.03 3.58 -1.60
N GLY A 279 0.30 2.57 -2.44
CA GLY A 279 0.29 2.77 -3.90
C GLY A 279 -1.00 2.36 -4.58
N THR A 280 -2.14 2.74 -3.99
CA THR A 280 -3.46 2.44 -4.54
C THR A 280 -4.36 3.67 -4.44
N ALA A 281 -5.43 3.71 -5.23
CA ALA A 281 -6.41 4.79 -5.11
C ALA A 281 -6.90 4.89 -3.67
N TRP A 282 -7.21 3.74 -3.07
CA TRP A 282 -7.81 3.75 -1.74
C TRP A 282 -6.83 4.21 -0.67
N SER A 283 -5.60 3.74 -0.76
CA SER A 283 -4.51 4.25 0.07
C SER A 283 -4.27 5.75 -0.11
N LYS A 284 -4.24 6.22 -1.37
CA LYS A 284 -3.94 7.61 -1.68
C LYS A 284 -5.02 8.56 -1.16
N VAL A 285 -6.28 8.25 -1.43
CA VAL A 285 -7.35 9.08 -0.92
C VAL A 285 -7.30 9.18 0.63
N ARG A 286 -7.14 8.05 1.31
CA ARG A 286 -7.05 8.06 2.77
C ARG A 286 -5.82 8.81 3.31
N PHE A 287 -4.66 8.61 2.67
CA PHE A 287 -3.44 9.25 3.16
C PHE A 287 -3.49 10.75 2.95
N LEU A 288 -4.03 11.15 1.80
CA LEU A 288 -4.23 12.54 1.46
C LEU A 288 -5.08 13.29 2.50
N LYS A 289 -6.18 12.66 2.92
CA LYS A 289 -7.01 13.23 3.96
C LYS A 289 -6.29 13.24 5.32
N ALA A 290 -5.62 12.13 5.65
CA ALA A 290 -4.89 12.00 6.90
C ALA A 290 -3.76 13.03 6.97
N ALA A 291 -2.91 13.03 5.95
CA ALA A 291 -1.82 14.00 5.88
C ALA A 291 -2.38 15.42 6.07
N ALA A 292 -3.46 15.73 5.36
CA ALA A 292 -4.09 17.05 5.45
C ALA A 292 -4.53 17.40 6.87
N GLU A 293 -5.19 16.45 7.54
CA GLU A 293 -5.62 16.64 8.94
CA GLU A 293 -5.62 16.66 8.92
C GLU A 293 -4.42 16.84 9.85
N LYS A 294 -3.39 16.01 9.67
CA LYS A 294 -2.24 16.01 10.58
C LYS A 294 -1.30 17.19 10.35
N LEU A 295 -0.95 17.47 9.10
CA LEU A 295 -0.04 18.56 8.77
C LEU A 295 -0.63 19.94 9.13
N THR A 296 -1.94 20.11 8.94
CA THR A 296 -2.60 21.39 9.24
C THR A 296 -3.21 21.45 10.64
N GLN A 297 -3.09 20.35 11.40
CA GLN A 297 -3.48 20.29 12.82
C GLN A 297 -4.98 20.53 13.07
N ASN A 298 -5.82 20.27 12.08
CA ASN A 298 -7.26 20.46 12.24
C ASN A 298 -8.03 19.66 11.21
N LYS A 299 -9.15 19.06 11.65
CA LYS A 299 -9.92 18.16 10.78
C LYS A 299 -10.62 18.91 9.65
N LEU A 300 -10.37 18.47 8.41
CA LEU A 300 -10.94 19.09 7.22
C LEU A 300 -12.41 18.67 7.05
#